data_4MTU
#
_entry.id   4MTU
#
_cell.length_a   78.110
_cell.length_b   78.110
_cell.length_c   102.810
_cell.angle_alpha   90.00
_cell.angle_beta   90.00
_cell.angle_gamma   120.00
#
_symmetry.space_group_name_H-M   'P 63 2 2'
#
loop_
_entity.id
_entity.type
_entity.pdbx_description
1 polymer 'Beta-alanyl-CoA:ammonia lyase 2'
2 non-polymer 'ZINC ION'
3 non-polymer 'SULFATE ION'
4 water water
#
_entity_poly.entity_id   1
_entity_poly.type   'polypeptide(L)'
_entity_poly.pdbx_seq_one_letter_code
;MVGKKVVHHLMMSAKDAHYTGNLVNGARIVNQWGDVGTELMVYVDGDISLFLGYKDIEFTAPVYVGDFMEYHGWIEKVGN
QSYTCKFEAWKVAKMVDITNPQDTRATACEPPVLCGTATGSLFIAKDNQRGPQESSFKDAKHPQ
;
_entity_poly.pdbx_strand_id   A
#
loop_
_chem_comp.id
_chem_comp.type
_chem_comp.name
_chem_comp.formula
SO4 non-polymer 'SULFATE ION' 'O4 S -2'
ZN non-polymer 'ZINC ION' 'Zn 2'
#
# COMPACT_ATOMS: atom_id res chain seq x y z
N MET A 1 2.74 -8.36 13.80
N MET A 1 2.62 -8.65 13.88
CA MET A 1 1.57 -7.76 13.15
CA MET A 1 1.46 -8.03 13.23
C MET A 1 0.34 -7.79 14.08
C MET A 1 0.27 -7.83 14.16
N VAL A 2 -0.34 -6.67 14.16
CA VAL A 2 -1.54 -6.44 14.93
C VAL A 2 -2.70 -6.40 13.95
N GLY A 3 -3.66 -7.26 14.09
CA GLY A 3 -4.76 -7.31 13.12
C GLY A 3 -4.35 -7.98 11.85
N LYS A 4 -5.16 -7.89 10.85
CA LYS A 4 -4.97 -8.55 9.54
C LYS A 4 -4.18 -7.63 8.64
N LYS A 5 -3.55 -8.23 7.64
CA LYS A 5 -2.93 -7.52 6.54
C LYS A 5 -4.04 -6.99 5.64
N VAL A 6 -3.95 -5.75 5.20
CA VAL A 6 -4.85 -5.15 4.24
C VAL A 6 -4.13 -5.23 2.87
N VAL A 7 -4.91 -5.64 1.87
CA VAL A 7 -4.41 -5.80 0.50
C VAL A 7 -5.29 -5.00 -0.46
N HIS A 8 -4.73 -3.94 -1.04
CA HIS A 8 -5.35 -3.27 -2.16
C HIS A 8 -4.86 -3.93 -3.45
N HIS A 9 -5.68 -3.86 -4.48
N HIS A 9 -5.66 -3.92 -4.50
CA HIS A 9 -5.37 -4.52 -5.74
CA HIS A 9 -5.36 -4.59 -5.75
C HIS A 9 -6.12 -3.76 -6.80
C HIS A 9 -6.11 -3.94 -6.90
N LEU A 10 -5.40 -3.43 -7.91
CA LEU A 10 -6.01 -2.66 -8.97
C LEU A 10 -5.06 -2.72 -10.20
N MET A 11 -5.49 -2.06 -11.26
CA MET A 11 -4.73 -1.98 -12.52
C MET A 11 -4.16 -0.59 -12.70
N MET A 12 -2.94 -0.51 -13.25
CA MET A 12 -2.43 0.72 -13.81
C MET A 12 -3.01 0.95 -15.19
N SER A 13 -3.83 1.97 -15.33
CA SER A 13 -4.36 2.30 -16.63
C SER A 13 -3.49 3.33 -17.30
N ALA A 14 -3.87 3.71 -18.53
CA ALA A 14 -3.14 4.79 -19.21
C ALA A 14 -3.17 6.07 -18.38
N LYS A 15 -4.16 6.29 -17.56
CA LYS A 15 -4.30 7.43 -16.70
C LYS A 15 -3.25 7.48 -15.58
N ASP A 16 -2.62 6.34 -15.27
CA ASP A 16 -1.59 6.24 -14.28
C ASP A 16 -0.21 6.53 -14.85
N ALA A 17 -0.05 6.56 -16.18
CA ALA A 17 1.23 6.96 -16.72
C ALA A 17 1.57 8.35 -16.21
N HIS A 18 2.86 8.58 -16.01
CA HIS A 18 3.33 9.87 -15.52
C HIS A 18 4.47 10.41 -16.38
N TYR A 19 5.47 9.61 -16.60
CA TYR A 19 6.57 9.97 -17.47
C TYR A 19 6.28 9.50 -18.86
N THR A 20 7.12 9.91 -19.81
CA THR A 20 7.07 9.32 -21.11
C THR A 20 7.36 7.82 -21.06
N GLY A 21 6.98 7.12 -22.12
CA GLY A 21 7.24 5.69 -22.23
C GLY A 21 6.28 4.83 -21.38
N ASN A 22 5.09 5.38 -21.06
CA ASN A 22 4.08 4.62 -20.31
C ASN A 22 4.56 4.23 -18.91
N LEU A 23 5.50 5.01 -18.34
CA LEU A 23 6.08 4.73 -17.06
C LEU A 23 5.28 5.43 -15.96
N VAL A 24 4.88 4.67 -14.95
CA VAL A 24 4.19 5.19 -13.78
C VAL A 24 5.23 5.70 -12.80
N ASN A 25 4.90 6.79 -12.10
CA ASN A 25 5.78 7.35 -11.08
C ASN A 25 5.72 6.56 -9.78
N GLY A 26 6.82 6.55 -9.03
CA GLY A 26 6.85 5.89 -7.75
C GLY A 26 5.83 6.47 -6.74
N ALA A 27 5.53 7.75 -6.86
CA ALA A 27 4.54 8.35 -6.00
C ALA A 27 3.17 7.70 -6.12
N ARG A 28 2.87 7.03 -7.24
CA ARG A 28 1.58 6.33 -7.34
C ARG A 28 1.48 5.24 -6.29
N ILE A 29 2.62 4.57 -5.99
CA ILE A 29 2.62 3.55 -4.95
C ILE A 29 2.37 4.21 -3.58
N VAL A 30 3.02 5.35 -3.32
CA VAL A 30 2.85 6.05 -2.06
C VAL A 30 1.40 6.52 -1.91
N ASN A 31 0.76 6.93 -2.96
CA ASN A 31 -0.65 7.29 -2.91
C ASN A 31 -1.48 6.11 -2.38
N GLN A 32 -1.20 4.92 -2.96
CA GLN A 32 -1.96 3.74 -2.57
C GLN A 32 -1.66 3.32 -1.14
N TRP A 33 -0.40 3.40 -0.72
CA TRP A 33 -0.06 3.06 0.69
C TRP A 33 -0.77 4.04 1.64
N GLY A 34 -0.97 5.29 1.26
CA GLY A 34 -1.74 6.17 2.11
C GLY A 34 -3.15 5.63 2.36
N ASP A 35 -3.78 5.12 1.30
CA ASP A 35 -5.14 4.57 1.42
C ASP A 35 -5.15 3.24 2.19
N VAL A 36 -4.11 2.41 2.02
CA VAL A 36 -3.97 1.19 2.82
C VAL A 36 -3.85 1.55 4.29
N GLY A 37 -2.97 2.51 4.59
CA GLY A 37 -2.80 2.98 5.97
C GLY A 37 -4.12 3.51 6.55
N THR A 38 -4.86 4.27 5.76
CA THR A 38 -6.15 4.78 6.24
C THR A 38 -7.03 3.61 6.63
N GLU A 39 -7.11 2.57 5.78
CA GLU A 39 -7.99 1.44 6.06
C GLU A 39 -7.58 0.77 7.38
N LEU A 40 -6.29 0.58 7.61
CA LEU A 40 -5.78 0.03 8.86
C LEU A 40 -6.22 0.89 10.09
N MET A 41 -6.17 2.18 9.92
CA MET A 41 -6.53 3.07 11.02
C MET A 41 -8.02 3.02 11.30
N VAL A 42 -8.83 2.94 10.27
CA VAL A 42 -10.26 2.77 10.46
C VAL A 42 -10.51 1.52 11.30
N TYR A 43 -9.83 0.44 10.95
CA TYR A 43 -10.05 -0.82 11.66
C TYR A 43 -9.53 -0.84 13.10
N VAL A 44 -8.39 -0.20 13.33
CA VAL A 44 -7.79 -0.29 14.67
C VAL A 44 -8.42 0.69 15.66
N ASP A 45 -8.88 1.85 15.19
CA ASP A 45 -9.38 2.88 16.12
C ASP A 45 -10.48 3.76 15.53
N GLY A 46 -11.07 3.43 14.40
CA GLY A 46 -12.28 4.09 14.00
C GLY A 46 -12.16 5.52 13.53
N ASP A 47 -11.02 5.89 12.97
CA ASP A 47 -10.77 7.24 12.47
C ASP A 47 -9.91 7.14 11.22
N ILE A 48 -10.08 8.02 10.29
CA ILE A 48 -9.28 7.95 9.06
C ILE A 48 -7.81 8.32 9.32
N SER A 49 -7.48 8.98 10.42
N SER A 49 -7.53 9.04 10.39
CA SER A 49 -6.12 9.29 10.84
CA SER A 49 -6.14 9.25 10.79
C SER A 49 -5.49 10.39 9.98
C SER A 49 -5.35 10.16 9.86
N LEU A 50 -4.26 10.73 10.38
CA LEU A 50 -3.40 11.65 9.67
C LEU A 50 -2.09 10.86 9.42
N PHE A 51 -1.53 10.94 8.22
CA PHE A 51 -0.28 10.26 7.91
C PHE A 51 0.93 11.13 8.37
N LEU A 52 1.79 10.67 9.28
CA LEU A 52 2.90 11.39 9.85
C LEU A 52 4.16 11.41 8.99
N GLY A 53 4.46 10.27 8.37
CA GLY A 53 5.72 10.20 7.58
C GLY A 53 6.05 8.76 7.29
N TYR A 54 7.19 8.64 6.57
CA TYR A 54 7.78 7.37 6.21
C TYR A 54 9.23 7.34 6.57
N LYS A 55 9.71 6.04 6.61
N LYS A 55 9.57 6.50 7.51
CA LYS A 55 11.15 5.70 6.58
CA LYS A 55 10.97 6.47 7.87
C LYS A 55 11.38 4.60 5.57
C LYS A 55 11.72 5.99 6.63
N ASP A 56 12.51 4.68 4.84
N ASP A 56 11.20 5.15 5.77
CA ASP A 56 13.00 3.56 4.06
CA ASP A 56 11.95 4.64 4.61
C ASP A 56 12.00 3.26 2.95
C ASP A 56 11.00 4.19 3.54
N ILE A 57 11.42 4.33 2.28
CA ILE A 57 10.71 3.91 1.07
C ILE A 57 11.77 3.41 0.10
N GLU A 58 11.62 2.22 -0.45
CA GLU A 58 12.43 1.73 -1.51
C GLU A 58 11.58 1.30 -2.71
N PHE A 59 11.92 1.83 -3.87
CA PHE A 59 11.27 1.51 -5.12
C PHE A 59 12.18 0.52 -5.83
N THR A 60 11.71 -0.69 -6.12
CA THR A 60 12.57 -1.80 -6.48
C THR A 60 12.37 -2.30 -7.89
N ALA A 61 11.33 -1.93 -8.61
CA ALA A 61 11.10 -2.35 -9.99
C ALA A 61 10.22 -1.31 -10.66
N PRO A 62 10.40 -1.04 -11.94
CA PRO A 62 9.56 -0.05 -12.61
C PRO A 62 8.15 -0.59 -12.82
N VAL A 63 7.19 0.33 -12.88
CA VAL A 63 5.79 0.03 -13.08
C VAL A 63 5.32 0.78 -14.34
N TYR A 64 4.56 0.05 -15.15
CA TYR A 64 4.05 0.57 -16.43
C TYR A 64 2.56 0.46 -16.53
N VAL A 65 1.99 1.22 -17.45
CA VAL A 65 0.58 1.06 -17.89
C VAL A 65 0.38 -0.41 -18.19
N GLY A 66 -0.75 -0.96 -17.72
CA GLY A 66 -1.15 -2.32 -17.94
C GLY A 66 -0.64 -3.29 -16.91
N ASP A 67 0.16 -2.82 -15.97
CA ASP A 67 0.54 -3.65 -14.82
C ASP A 67 -0.66 -3.74 -13.87
N PHE A 68 -0.85 -4.94 -13.33
CA PHE A 68 -1.77 -5.17 -12.21
C PHE A 68 -0.94 -5.24 -10.96
N MET A 69 -1.38 -4.49 -9.93
CA MET A 69 -0.58 -4.22 -8.76
C MET A 69 -1.36 -4.52 -7.49
N GLU A 70 -0.65 -5.05 -6.52
CA GLU A 70 -1.15 -5.24 -5.17
C GLU A 70 -0.31 -4.41 -4.20
N TYR A 71 -0.97 -3.90 -3.17
CA TYR A 71 -0.37 -3.02 -2.19
C TYR A 71 -0.78 -3.59 -0.83
N HIS A 72 0.20 -4.07 -0.09
CA HIS A 72 -0.04 -4.71 1.21
C HIS A 72 0.39 -3.76 2.33
N GLY A 73 -0.36 -3.75 3.44
CA GLY A 73 0.06 -3.03 4.60
C GLY A 73 -0.44 -3.70 5.86
N TRP A 74 0.31 -3.48 6.94
CA TRP A 74 -0.13 -4.04 8.24
C TRP A 74 0.49 -3.15 9.34
N ILE A 75 -0.19 -3.22 10.49
CA ILE A 75 0.29 -2.58 11.69
C ILE A 75 1.34 -3.42 12.35
N GLU A 76 2.50 -2.87 12.58
CA GLU A 76 3.57 -3.51 13.33
C GLU A 76 3.46 -3.14 14.80
N LYS A 77 3.18 -1.93 15.18
CA LYS A 77 3.15 -1.49 16.57
C LYS A 77 2.07 -0.43 16.72
N VAL A 78 1.23 -0.65 17.75
CA VAL A 78 0.27 0.30 18.23
C VAL A 78 0.91 1.15 19.34
N GLY A 79 1.09 2.45 19.15
CA GLY A 79 1.61 3.34 20.12
C GLY A 79 0.46 3.95 20.88
N ASN A 80 0.74 5.05 21.57
CA ASN A 80 -0.28 5.79 22.29
C ASN A 80 -1.17 6.56 21.32
N GLN A 81 -0.56 7.34 20.44
CA GLN A 81 -1.27 8.06 19.37
C GLN A 81 -0.72 7.78 17.98
N SER A 82 0.42 7.11 17.88
CA SER A 82 1.06 6.83 16.61
C SER A 82 1.07 5.33 16.39
N TYR A 83 1.00 4.92 15.15
CA TYR A 83 0.89 3.56 14.72
C TYR A 83 1.95 3.30 13.63
N THR A 84 2.82 2.34 13.88
CA THR A 84 3.89 2.05 12.91
C THR A 84 3.40 0.93 12.04
N CYS A 85 3.47 1.15 10.71
CA CYS A 85 2.96 0.25 9.73
C CYS A 85 4.07 -0.12 8.71
N LYS A 86 3.94 -1.29 8.13
CA LYS A 86 4.82 -1.75 7.03
C LYS A 86 4.00 -1.91 5.81
N PHE A 87 4.64 -1.63 4.66
CA PHE A 87 3.96 -1.63 3.37
C PHE A 87 4.84 -2.34 2.32
N GLU A 88 4.18 -2.94 1.35
CA GLU A 88 4.79 -3.58 0.20
C GLU A 88 3.95 -3.29 -1.05
N ALA A 89 4.59 -3.35 -2.22
CA ALA A 89 3.90 -3.25 -3.50
C ALA A 89 4.42 -4.37 -4.39
N TRP A 90 3.50 -5.09 -5.03
CA TRP A 90 3.79 -6.28 -5.81
C TRP A 90 3.08 -6.20 -7.16
N LYS A 91 3.80 -6.61 -8.22
CA LYS A 91 3.23 -6.70 -9.57
C LYS A 91 2.80 -8.12 -9.84
N VAL A 92 1.57 -8.29 -10.25
CA VAL A 92 0.98 -9.60 -10.47
C VAL A 92 0.65 -9.90 -11.93
N ALA A 93 0.68 -8.93 -12.82
CA ALA A 93 0.42 -9.16 -14.25
C ALA A 93 0.95 -7.93 -14.98
N LYS A 94 1.14 -8.05 -16.29
N LYS A 94 1.21 -8.09 -16.27
CA LYS A 94 1.77 -6.95 -17.04
CA LYS A 94 1.90 -7.07 -17.07
C LYS A 94 1.54 -7.19 -18.55
C LYS A 94 1.67 -7.25 -18.58
N MET A 95 1.70 -6.15 -19.34
CA MET A 95 1.80 -6.30 -20.78
C MET A 95 3.11 -7.00 -21.15
N VAL A 96 3.10 -7.78 -22.19
CA VAL A 96 4.35 -8.45 -22.68
C VAL A 96 5.33 -7.41 -23.26
N ASP A 97 4.87 -6.45 -24.05
CA ASP A 97 5.76 -5.52 -24.73
C ASP A 97 5.20 -4.11 -24.72
N ILE A 98 5.55 -3.33 -23.68
CA ILE A 98 5.06 -1.98 -23.53
C ILE A 98 5.51 -1.08 -24.65
N THR A 99 6.60 -1.44 -25.33
CA THR A 99 7.13 -0.60 -26.37
C THR A 99 6.34 -0.68 -27.67
N ASN A 100 5.42 -1.61 -27.81
CA ASN A 100 4.58 -1.72 -29.00
C ASN A 100 3.14 -1.45 -28.63
N PRO A 101 2.65 -0.22 -28.84
CA PRO A 101 1.32 0.10 -28.39
C PRO A 101 0.20 -0.73 -28.95
N GLN A 102 0.37 -1.37 -30.08
CA GLN A 102 -0.64 -2.22 -30.69
C GLN A 102 -0.55 -3.65 -30.17
N ASP A 103 0.43 -4.01 -29.41
CA ASP A 103 0.55 -5.40 -28.88
C ASP A 103 -0.37 -5.53 -27.70
N THR A 104 -1.34 -6.41 -27.78
CA THR A 104 -2.32 -6.63 -26.72
C THR A 104 -1.97 -7.82 -25.83
N ARG A 105 -0.82 -8.46 -26.05
CA ARG A 105 -0.44 -9.60 -25.24
C ARG A 105 -0.11 -9.18 -23.82
N ALA A 106 -0.50 -10.01 -22.86
CA ALA A 106 -0.23 -9.74 -21.46
C ALA A 106 -0.10 -11.07 -20.74
N THR A 107 0.54 -11.09 -19.59
CA THR A 107 0.78 -12.30 -18.85
C THR A 107 0.77 -12.02 -17.36
N ALA A 108 0.76 -13.10 -16.58
CA ALA A 108 0.90 -13.03 -15.17
C ALA A 108 2.33 -12.91 -14.77
N CYS A 109 2.57 -12.40 -13.55
CA CYS A 109 3.83 -12.44 -12.86
C CYS A 109 3.69 -13.46 -11.72
N GLU A 110 4.17 -14.66 -12.02
CA GLU A 110 4.04 -15.74 -11.04
C GLU A 110 5.41 -16.36 -10.92
N PRO A 111 6.23 -16.04 -9.92
CA PRO A 111 5.85 -15.33 -8.74
C PRO A 111 5.72 -13.81 -8.98
N PRO A 112 5.04 -13.15 -8.07
N PRO A 112 4.92 -13.17 -8.13
CA PRO A 112 4.86 -11.72 -8.20
CA PRO A 112 4.85 -11.71 -8.22
C PRO A 112 6.16 -10.99 -7.97
C PRO A 112 6.22 -11.05 -8.08
N VAL A 113 6.28 -9.82 -8.59
CA VAL A 113 7.53 -9.04 -8.60
C VAL A 113 7.42 -7.92 -7.59
N LEU A 114 8.39 -7.84 -6.69
CA LEU A 114 8.42 -6.80 -5.69
C LEU A 114 8.74 -5.45 -6.32
N CYS A 115 7.88 -4.46 -6.09
CA CYS A 115 8.03 -3.12 -6.65
C CYS A 115 8.32 -2.06 -5.58
N GLY A 116 8.07 -2.31 -4.31
CA GLY A 116 8.39 -1.33 -3.33
C GLY A 116 8.15 -1.87 -1.91
N THR A 117 8.86 -1.23 -0.98
CA THR A 117 8.62 -1.46 0.45
C THR A 117 8.72 -0.12 1.17
N ALA A 118 8.13 -0.04 2.36
CA ALA A 118 8.22 1.15 3.17
C ALA A 118 7.81 0.84 4.63
N THR A 119 8.29 1.71 5.51
CA THR A 119 7.74 1.79 6.89
C THR A 119 7.14 3.17 7.05
N GLY A 120 5.91 3.26 7.57
CA GLY A 120 5.25 4.53 7.76
C GLY A 120 4.60 4.63 9.11
N SER A 121 4.26 5.82 9.48
CA SER A 121 3.55 6.05 10.72
C SER A 121 2.36 6.95 10.54
N LEU A 122 1.30 6.60 11.20
CA LEU A 122 0.03 7.28 11.16
C LEU A 122 -0.34 7.71 12.61
N PHE A 123 -1.21 8.72 12.69
CA PHE A 123 -1.55 9.35 13.98
C PHE A 123 -3.06 9.48 14.10
N ILE A 124 -3.53 9.10 15.30
CA ILE A 124 -4.91 9.42 15.68
C ILE A 124 -4.84 10.09 17.06
N ALA A 125 -5.29 11.33 17.19
CA ALA A 125 -5.28 12.01 18.50
C ALA A 125 -6.09 11.17 19.50
N LYS A 126 -5.64 11.16 20.71
CA LYS A 126 -6.26 10.32 21.74
C LYS A 126 -7.76 10.52 21.82
N ASP A 127 -8.22 11.76 21.72
CA ASP A 127 -9.65 12.05 21.87
C ASP A 127 -10.47 11.48 20.70
N ASN A 128 -9.83 11.22 19.53
CA ASN A 128 -10.48 10.72 18.36
C ASN A 128 -10.37 9.20 18.23
N GLN A 129 -9.67 8.51 19.11
CA GLN A 129 -9.60 7.05 19.05
C GLN A 129 -10.91 6.45 19.60
N ARG A 130 -11.43 5.46 18.88
CA ARG A 130 -12.74 4.86 19.18
C ARG A 130 -12.70 3.40 19.46
N GLY A 131 -11.50 2.80 19.50
CA GLY A 131 -11.34 1.39 19.68
C GLY A 131 -11.54 0.62 18.33
N PRO A 132 -11.25 -0.65 18.39
CA PRO A 132 -11.28 -1.48 17.16
C PRO A 132 -12.67 -1.50 16.55
N GLN A 133 -12.69 -1.54 15.18
CA GLN A 133 -13.89 -1.53 14.43
C GLN A 133 -14.14 -2.79 13.62
N GLU A 134 -13.13 -3.64 13.50
CA GLU A 134 -13.08 -4.82 12.63
C GLU A 134 -12.57 -5.97 13.52
N SER A 135 -13.19 -7.13 13.46
CA SER A 135 -12.97 -8.21 14.40
C SER A 135 -11.54 -8.66 14.51
N SER A 136 -10.74 -8.61 13.44
CA SER A 136 -9.35 -9.07 13.52
C SER A 136 -8.49 -8.14 14.38
N PHE A 137 -8.97 -6.96 14.68
CA PHE A 137 -8.24 -5.94 15.45
C PHE A 137 -8.67 -5.89 16.90
N LYS A 138 -9.50 -6.81 17.33
CA LYS A 138 -10.12 -6.73 18.65
C LYS A 138 -9.09 -6.76 19.75
N ASP A 139 -7.93 -7.35 19.53
CA ASP A 139 -7.02 -7.36 20.69
C ASP A 139 -5.91 -6.34 20.52
N ALA A 140 -6.20 -5.40 19.63
N ALA A 140 -6.00 -5.31 19.69
CA ALA A 140 -5.32 -4.26 19.64
CA ALA A 140 -5.02 -4.27 19.44
C ALA A 140 -5.36 -3.71 21.06
C ALA A 140 -4.93 -3.20 20.52
N LYS A 141 -4.18 -3.55 21.58
CA LYS A 141 -3.94 -2.88 22.83
C LYS A 141 -2.86 -1.82 22.72
N HIS A 142 -2.98 -0.75 23.47
CA HIS A 142 -1.98 0.34 23.47
C HIS A 142 -0.99 0.17 24.58
N PRO A 143 0.16 0.88 24.57
CA PRO A 143 1.12 0.73 25.70
C PRO A 143 0.44 1.07 27.02
ZN ZN B . -7.27 2.06 20.39
S SO4 C . 3.36 7.53 20.65
O1 SO4 C . 2.16 8.40 20.63
O2 SO4 C . 3.92 7.52 21.96
O3 SO4 C . 4.35 8.10 19.66
O4 SO4 C . 2.79 6.27 20.02
#